data_1R8T
#
_entry.id   1R8T
#
_entity_poly.entity_id   1
_entity_poly.type   'polypeptide(L)'
_entity_poly.pdbx_seq_one_letter_code
;RCCHPQCGAAYSCRK
;
_entity_poly.pdbx_strand_id   A
#
# COMPACT_ATOMS: atom_id res chain seq x y z
N ARG A 1 0.47 7.77 2.42
CA ARG A 1 -0.18 6.54 1.88
C ARG A 1 0.78 5.76 0.99
N CYS A 2 0.49 4.47 0.81
CA CYS A 2 1.33 3.60 -0.01
C CYS A 2 0.50 2.54 -0.71
N CYS A 3 -0.27 2.96 -1.71
CA CYS A 3 -1.11 2.04 -2.47
C CYS A 3 -0.44 1.60 -3.75
N HIS A 4 0.89 1.63 -3.76
CA HIS A 4 1.67 1.23 -4.93
C HIS A 4 2.15 -0.21 -4.79
N PRO A 5 2.68 -0.79 -5.88
CA PRO A 5 3.18 -2.17 -5.86
C PRO A 5 4.48 -2.30 -5.06
N GLN A 6 5.05 -1.16 -4.68
CA GLN A 6 6.29 -1.15 -3.91
C GLN A 6 6.01 -1.56 -2.47
N CYS A 7 4.78 -1.38 -2.01
CA CYS A 7 4.40 -1.73 -0.65
C CYS A 7 3.69 -3.07 -0.60
N GLY A 8 3.06 -3.44 -1.72
CA GLY A 8 2.34 -4.70 -1.79
C GLY A 8 1.36 -4.89 -0.66
N ALA A 9 1.24 -6.12 -0.17
CA ALA A 9 0.32 -6.44 0.92
C ALA A 9 0.43 -5.43 2.06
N ALA A 10 1.61 -4.82 2.20
CA ALA A 10 1.83 -3.84 3.26
C ALA A 10 1.57 -2.42 2.75
N TYR A 11 0.50 -2.26 1.98
CA TYR A 11 0.15 -0.95 1.44
C TYR A 11 -0.72 -0.16 2.43
N SER A 12 -1.12 1.04 2.03
CA SER A 12 -1.96 1.88 2.88
C SER A 12 -3.01 2.60 2.05
N CYS A 13 -3.70 1.85 1.19
CA CYS A 13 -4.74 2.42 0.34
C CYS A 13 -5.86 3.02 1.18
N ARG A 14 -6.16 2.38 2.31
CA ARG A 14 -7.21 2.86 3.19
C ARG A 14 -7.04 2.27 4.60
N LYS A 15 -6.82 0.97 4.68
CA LYS A 15 -6.64 0.29 5.95
C LYS A 15 -5.60 -0.82 5.83
N ARG A 1 1.96 4.41 4.84
CA ARG A 1 1.59 5.42 3.82
C ARG A 1 2.15 5.03 2.45
N CYS A 2 1.53 4.05 1.81
CA CYS A 2 1.96 3.59 0.50
C CYS A 2 0.84 2.84 -0.22
N CYS A 3 0.40 3.37 -1.35
CA CYS A 3 -0.67 2.74 -2.12
C CYS A 3 -0.17 2.34 -3.52
N HIS A 4 1.13 2.08 -3.62
CA HIS A 4 1.72 1.67 -4.89
C HIS A 4 2.15 0.21 -4.85
N PRO A 5 2.53 -0.38 -6.00
CA PRO A 5 2.96 -1.78 -6.06
C PRO A 5 4.23 -2.03 -5.26
N GLN A 6 4.92 -0.95 -4.87
CA GLN A 6 6.15 -1.07 -4.10
C GLN A 6 5.87 -1.71 -2.74
N CYS A 7 4.67 -1.48 -2.23
CA CYS A 7 4.27 -2.04 -0.93
C CYS A 7 3.50 -3.34 -1.13
N GLY A 8 2.92 -3.52 -2.31
CA GLY A 8 2.16 -4.72 -2.59
C GLY A 8 0.99 -4.90 -1.65
N ALA A 9 0.75 -6.15 -1.25
CA ALA A 9 -0.35 -6.46 -0.35
C ALA A 9 -0.20 -5.73 1.00
N ALA A 10 1.00 -5.23 1.28
CA ALA A 10 1.25 -4.53 2.53
C ALA A 10 1.09 -3.02 2.36
N TYR A 11 0.27 -2.61 1.40
CA TYR A 11 0.04 -1.19 1.15
C TYR A 11 -0.79 -0.57 2.28
N SER A 12 -1.09 0.71 2.14
CA SER A 12 -1.87 1.43 3.15
C SER A 12 -2.69 2.54 2.51
N CYS A 13 -3.45 2.20 1.47
CA CYS A 13 -4.29 3.16 0.77
C CYS A 13 -5.30 3.78 1.71
N ARG A 14 -6.25 2.97 2.16
CA ARG A 14 -7.29 3.42 3.07
C ARG A 14 -7.92 2.26 3.82
N LYS A 15 -7.26 1.80 4.87
CA LYS A 15 -7.76 0.68 5.67
C LYS A 15 -7.06 0.62 7.02
N ARG A 1 0.99 7.66 2.35
CA ARG A 1 0.32 6.90 1.25
C ARG A 1 1.25 5.84 0.67
N CYS A 2 0.79 4.59 0.68
CA CYS A 2 1.57 3.48 0.15
C CYS A 2 0.68 2.48 -0.58
N CYS A 3 -0.08 2.98 -1.54
CA CYS A 3 -0.98 2.14 -2.32
C CYS A 3 -0.35 1.76 -3.66
N HIS A 4 0.98 1.70 -3.68
CA HIS A 4 1.71 1.36 -4.90
C HIS A 4 2.05 -0.13 -4.92
N PRO A 5 2.52 -0.65 -6.07
CA PRO A 5 2.89 -2.06 -6.20
C PRO A 5 4.15 -2.40 -5.42
N GLN A 6 4.84 -1.37 -4.92
CA GLN A 6 6.06 -1.56 -4.15
C GLN A 6 5.73 -1.84 -2.69
N CYS A 7 4.57 -1.38 -2.24
CA CYS A 7 4.13 -1.59 -0.87
C CYS A 7 3.56 -2.99 -0.68
N GLY A 8 2.98 -3.52 -1.75
CA GLY A 8 2.40 -4.86 -1.68
C GLY A 8 1.41 -5.02 -0.55
N ALA A 9 1.38 -6.20 0.05
CA ALA A 9 0.47 -6.50 1.15
C ALA A 9 0.55 -5.43 2.24
N ALA A 10 1.69 -4.75 2.32
CA ALA A 10 1.89 -3.72 3.33
C ALA A 10 1.52 -2.34 2.79
N TYR A 11 0.47 -2.28 1.97
CA TYR A 11 0.02 -1.02 1.39
C TYR A 11 -0.71 -0.17 2.43
N SER A 12 -1.19 0.99 2.01
CA SER A 12 -1.90 1.90 2.89
C SER A 12 -2.95 2.70 2.13
N CYS A 13 -3.73 2.00 1.30
CA CYS A 13 -4.76 2.64 0.51
C CYS A 13 -5.88 3.17 1.40
N ARG A 14 -6.15 2.46 2.50
CA ARG A 14 -7.19 2.85 3.43
C ARG A 14 -6.97 2.21 4.80
N LYS A 15 -7.12 0.89 4.85
CA LYS A 15 -6.94 0.15 6.09
C LYS A 15 -6.05 -1.08 5.88
N ARG A 1 2.92 6.88 3.59
CA ARG A 1 2.05 5.70 3.35
C ARG A 1 2.65 4.77 2.29
N CYS A 2 2.06 3.59 2.14
CA CYS A 2 2.53 2.62 1.16
C CYS A 2 1.37 2.01 0.39
N CYS A 3 0.56 2.87 -0.21
CA CYS A 3 -0.59 2.41 -0.99
C CYS A 3 -0.27 2.41 -2.48
N HIS A 4 1.01 2.20 -2.80
CA HIS A 4 1.45 2.16 -4.19
C HIS A 4 1.52 0.73 -4.70
N PRO A 5 1.69 0.53 -6.02
CA PRO A 5 1.78 -0.80 -6.62
C PRO A 5 3.08 -1.51 -6.24
N GLN A 6 4.01 -0.77 -5.64
CA GLN A 6 5.28 -1.35 -5.22
C GLN A 6 5.16 -2.02 -3.87
N CYS A 7 4.18 -1.59 -3.07
CA CYS A 7 3.95 -2.15 -1.76
C CYS A 7 3.18 -3.47 -1.85
N GLY A 8 2.34 -3.57 -2.88
CA GLY A 8 1.55 -4.78 -3.07
C GLY A 8 0.75 -5.16 -1.84
N ALA A 9 0.60 -6.46 -1.61
CA ALA A 9 -0.16 -6.97 -0.47
C ALA A 9 0.31 -6.32 0.84
N ALA A 10 1.54 -5.83 0.86
CA ALA A 10 2.08 -5.19 2.06
C ALA A 10 1.89 -3.68 2.01
N TYR A 11 0.75 -3.25 1.48
CA TYR A 11 0.44 -1.83 1.39
C TYR A 11 0.06 -1.26 2.75
N SER A 12 -0.27 0.02 2.79
CA SER A 12 -0.65 0.69 4.03
C SER A 12 -1.66 1.81 3.76
N CYS A 13 -2.67 1.50 2.96
CA CYS A 13 -3.69 2.48 2.61
C CYS A 13 -4.54 2.83 3.83
N ARG A 14 -5.50 3.73 3.64
CA ARG A 14 -6.38 4.15 4.72
C ARG A 14 -7.85 4.06 4.31
N LYS A 15 -8.15 3.08 3.46
CA LYS A 15 -9.51 2.88 2.99
C LYS A 15 -10.23 1.83 3.84
N ARG A 1 2.04 5.73 4.81
CA ARG A 1 1.07 4.74 4.29
C ARG A 1 1.76 3.68 3.43
N CYS A 2 0.98 2.74 2.90
CA CYS A 2 1.51 1.67 2.07
C CYS A 2 0.54 1.33 0.94
N CYS A 3 0.06 2.34 0.24
CA CYS A 3 -0.88 2.13 -0.86
C CYS A 3 -0.24 2.43 -2.20
N HIS A 4 1.07 2.22 -2.29
CA HIS A 4 1.80 2.47 -3.53
C HIS A 4 2.44 1.18 -4.06
N PRO A 5 2.73 1.14 -5.37
CA PRO A 5 3.34 -0.02 -6.02
C PRO A 5 4.49 -0.63 -5.21
N GLN A 6 5.13 0.18 -4.37
CA GLN A 6 6.23 -0.29 -3.55
C GLN A 6 5.80 -1.43 -2.63
N CYS A 7 4.68 -1.23 -1.96
CA CYS A 7 4.14 -2.24 -1.04
C CYS A 7 3.44 -3.36 -1.81
N GLY A 8 2.92 -3.03 -2.99
CA GLY A 8 2.24 -4.01 -3.80
C GLY A 8 1.17 -4.77 -3.04
N ALA A 9 1.09 -6.08 -3.28
CA ALA A 9 0.11 -6.94 -2.62
C ALA A 9 0.09 -6.70 -1.12
N ALA A 10 1.23 -6.28 -0.56
CA ALA A 10 1.33 -6.02 0.86
C ALA A 10 1.10 -4.54 1.17
N TYR A 11 0.10 -3.97 0.51
CA TYR A 11 -0.24 -2.55 0.72
C TYR A 11 -1.01 -2.36 2.02
N SER A 12 -1.41 -1.13 2.30
CA SER A 12 -2.17 -0.81 3.51
C SER A 12 -3.06 0.39 3.27
N CYS A 13 -3.80 0.38 2.16
CA CYS A 13 -4.70 1.47 1.82
C CYS A 13 -5.80 1.61 2.87
N ARG A 14 -6.08 2.84 3.28
CA ARG A 14 -7.10 3.11 4.27
C ARG A 14 -7.56 4.56 4.21
N LYS A 15 -6.66 5.47 4.54
CA LYS A 15 -6.97 6.90 4.52
C LYS A 15 -6.31 7.58 3.33
N ARG A 1 -0.32 3.65 6.70
CA ARG A 1 -0.19 2.45 5.83
C ARG A 1 0.61 2.75 4.58
N CYS A 2 0.70 1.78 3.69
CA CYS A 2 1.45 1.94 2.44
C CYS A 2 0.55 1.72 1.23
N CYS A 3 0.44 2.74 0.39
CA CYS A 3 -0.40 2.66 -0.81
C CYS A 3 0.43 2.90 -2.07
N HIS A 4 1.73 2.59 -1.99
CA HIS A 4 2.62 2.76 -3.12
C HIS A 4 3.06 1.41 -3.68
N PRO A 5 3.74 1.40 -4.84
CA PRO A 5 4.21 0.15 -5.47
C PRO A 5 5.25 -0.55 -4.61
N GLN A 6 5.80 0.16 -3.63
CA GLN A 6 6.80 -0.42 -2.75
C GLN A 6 6.22 -1.59 -1.96
N CYS A 7 4.92 -1.51 -1.66
CA CYS A 7 4.24 -2.56 -0.92
C CYS A 7 3.59 -3.57 -1.88
N GLY A 8 3.37 -3.16 -3.11
CA GLY A 8 2.76 -4.03 -4.09
C GLY A 8 1.38 -4.49 -3.68
N ALA A 9 1.08 -5.76 -3.94
CA ALA A 9 -0.22 -6.33 -3.58
C ALA A 9 -0.45 -6.33 -2.07
N ALA A 10 0.63 -6.12 -1.30
CA ALA A 10 0.52 -6.11 0.15
C ALA A 10 0.30 -4.69 0.69
N TYR A 11 -0.18 -3.79 -0.17
CA TYR A 11 -0.43 -2.41 0.25
C TYR A 11 -1.55 -2.35 1.27
N SER A 12 -1.89 -1.13 1.70
CA SER A 12 -2.94 -0.94 2.69
C SER A 12 -3.59 0.44 2.52
N CYS A 13 -4.03 0.73 1.30
CA CYS A 13 -4.67 2.02 1.00
C CYS A 13 -5.91 2.21 1.86
N ARG A 14 -5.83 3.10 2.84
CA ARG A 14 -6.95 3.38 3.72
C ARG A 14 -7.12 4.88 3.93
N LYS A 15 -6.03 5.57 4.23
CA LYS A 15 -6.06 7.01 4.45
C LYS A 15 -6.98 7.36 5.62
N ARG A 1 2.72 6.95 3.71
CA ARG A 1 1.74 6.04 3.05
C ARG A 1 2.44 5.05 2.14
N CYS A 2 1.73 3.99 1.77
CA CYS A 2 2.29 2.96 0.89
C CYS A 2 1.18 2.24 0.13
N CYS A 3 0.38 3.01 -0.60
CA CYS A 3 -0.72 2.44 -1.37
C CYS A 3 -0.32 2.29 -2.84
N HIS A 4 0.97 2.10 -3.08
CA HIS A 4 1.48 1.94 -4.44
C HIS A 4 1.60 0.46 -4.80
N PRO A 5 1.85 0.16 -6.08
CA PRO A 5 1.99 -1.23 -6.55
C PRO A 5 3.28 -1.87 -6.05
N GLN A 6 4.17 -1.05 -5.48
CA GLN A 6 5.43 -1.54 -4.95
C GLN A 6 5.26 -2.09 -3.55
N CYS A 7 4.24 -1.61 -2.84
CA CYS A 7 3.97 -2.04 -1.49
C CYS A 7 3.24 -3.38 -1.48
N GLY A 8 2.47 -3.63 -2.54
CA GLY A 8 1.73 -4.87 -2.64
C GLY A 8 0.84 -5.14 -1.44
N ALA A 9 0.72 -6.41 -1.07
CA ALA A 9 -0.10 -6.81 0.07
C ALA A 9 0.26 -6.03 1.33
N ALA A 10 1.49 -5.52 1.38
CA ALA A 10 1.96 -4.76 2.53
C ALA A 10 1.78 -3.26 2.30
N TYR A 11 0.67 -2.89 1.66
CA TYR A 11 0.38 -1.48 1.39
C TYR A 11 -0.03 -0.76 2.66
N SER A 12 -0.36 0.53 2.52
CA SER A 12 -0.77 1.34 3.67
C SER A 12 -1.83 2.34 3.25
N CYS A 13 -2.84 1.87 2.52
CA CYS A 13 -3.92 2.74 2.06
C CYS A 13 -4.80 3.17 3.22
N ARG A 14 -5.90 3.86 2.91
CA ARG A 14 -6.82 4.33 3.93
C ARG A 14 -8.04 3.42 4.02
N LYS A 15 -7.85 2.14 3.75
CA LYS A 15 -8.93 1.16 3.79
C LYS A 15 -8.43 -0.18 4.32
N ARG A 1 1.93 7.71 2.55
CA ARG A 1 1.04 6.86 1.74
C ARG A 1 1.82 5.79 0.98
N CYS A 2 1.22 4.61 0.84
CA CYS A 2 1.87 3.50 0.15
C CYS A 2 0.83 2.56 -0.46
N CYS A 3 0.08 3.06 -1.43
CA CYS A 3 -0.94 2.26 -2.10
C CYS A 3 -0.50 1.86 -3.50
N HIS A 4 0.82 1.72 -3.69
CA HIS A 4 1.38 1.33 -4.97
C HIS A 4 1.63 -0.17 -5.01
N PRO A 5 1.95 -0.71 -6.19
CA PRO A 5 2.22 -2.15 -6.36
C PRO A 5 3.53 -2.56 -5.70
N GLN A 6 4.33 -1.57 -5.30
CA GLN A 6 5.60 -1.83 -4.65
C GLN A 6 5.41 -2.09 -3.16
N CYS A 7 4.33 -1.54 -2.60
CA CYS A 7 4.03 -1.71 -1.19
C CYS A 7 3.45 -3.09 -0.91
N GLY A 8 2.76 -3.64 -1.90
CA GLY A 8 2.16 -4.95 -1.76
C GLY A 8 1.25 -5.05 -0.55
N ALA A 9 1.24 -6.22 0.09
CA ALA A 9 0.40 -6.45 1.25
C ALA A 9 0.63 -5.39 2.33
N ALA A 10 1.80 -4.77 2.30
CA ALA A 10 2.15 -3.73 3.27
C ALA A 10 1.81 -2.34 2.75
N TYR A 11 0.72 -2.23 1.99
CA TYR A 11 0.30 -0.95 1.44
C TYR A 11 -0.24 -0.03 2.53
N SER A 12 -0.68 1.16 2.14
CA SER A 12 -1.22 2.13 3.07
C SER A 12 -2.32 2.96 2.43
N CYS A 13 -3.25 2.28 1.75
CA CYS A 13 -4.36 2.94 1.08
C CYS A 13 -5.33 3.52 2.10
N ARG A 14 -5.99 2.64 2.84
CA ARG A 14 -6.95 3.06 3.85
C ARG A 14 -7.18 1.95 4.88
N LYS A 15 -7.83 0.88 4.44
CA LYS A 15 -8.11 -0.25 5.32
C LYS A 15 -7.20 -1.43 5.01
N ARG A 1 2.87 5.78 5.08
CA ARG A 1 1.97 4.78 4.45
C ARG A 1 2.34 4.56 2.98
N CYS A 2 2.14 3.33 2.50
CA CYS A 2 2.44 3.00 1.12
C CYS A 2 1.26 2.32 0.44
N CYS A 3 0.67 3.00 -0.53
CA CYS A 3 -0.47 2.45 -1.27
C CYS A 3 -0.07 2.02 -2.67
N HIS A 4 1.01 2.61 -3.18
CA HIS A 4 1.49 2.29 -4.52
C HIS A 4 1.73 0.79 -4.67
N PRO A 5 1.94 0.31 -5.91
CA PRO A 5 2.19 -1.11 -6.17
C PRO A 5 3.55 -1.57 -5.63
N GLN A 6 4.38 -0.61 -5.21
CA GLN A 6 5.68 -0.93 -4.67
C GLN A 6 5.54 -1.75 -3.38
N CYS A 7 4.41 -1.61 -2.71
CA CYS A 7 4.15 -2.33 -1.47
C CYS A 7 3.26 -3.54 -1.74
N GLY A 8 2.46 -3.47 -2.79
CA GLY A 8 1.58 -4.56 -3.14
C GLY A 8 0.62 -4.92 -2.00
N ALA A 9 0.32 -6.21 -1.88
CA ALA A 9 -0.58 -6.68 -0.84
C ALA A 9 -0.20 -6.14 0.54
N ALA A 10 1.07 -5.78 0.71
CA ALA A 10 1.55 -5.25 1.98
C ALA A 10 1.51 -3.72 1.99
N TYR A 11 0.47 -3.15 1.40
CA TYR A 11 0.31 -1.70 1.36
C TYR A 11 -0.35 -1.17 2.62
N SER A 12 -0.55 0.13 2.69
CA SER A 12 -1.19 0.76 3.85
C SER A 12 -2.02 1.96 3.43
N CYS A 13 -2.88 1.76 2.43
CA CYS A 13 -3.74 2.82 1.94
C CYS A 13 -4.65 3.35 3.04
N ARG A 14 -5.62 4.18 2.66
CA ARG A 14 -6.56 4.75 3.62
C ARG A 14 -7.87 3.97 3.64
N LYS A 15 -7.77 2.65 3.49
CA LYS A 15 -8.93 1.78 3.50
C LYS A 15 -8.87 0.76 4.63
N ARG A 1 1.95 8.05 1.98
CA ARG A 1 1.09 6.86 1.79
C ARG A 1 1.80 5.80 0.94
N CYS A 2 1.37 4.55 1.08
CA CYS A 2 1.95 3.45 0.32
C CYS A 2 0.88 2.58 -0.31
N CYS A 3 0.20 3.11 -1.32
CA CYS A 3 -0.85 2.37 -2.01
C CYS A 3 -0.42 1.98 -3.41
N HIS A 4 0.89 1.82 -3.60
CA HIS A 4 1.44 1.45 -4.90
C HIS A 4 1.64 -0.07 -4.98
N PRO A 5 1.94 -0.59 -6.19
CA PRO A 5 2.17 -2.03 -6.38
C PRO A 5 3.47 -2.49 -5.73
N GLN A 6 4.29 -1.54 -5.30
CA GLN A 6 5.55 -1.87 -4.66
C GLN A 6 5.35 -2.15 -3.17
N CYS A 7 4.29 -1.58 -2.60
CA CYS A 7 3.98 -1.78 -1.19
C CYS A 7 3.37 -3.15 -0.96
N GLY A 8 2.65 -3.65 -1.95
CA GLY A 8 2.03 -4.96 -1.83
C GLY A 8 1.18 -5.09 -0.59
N ALA A 9 1.24 -6.27 0.04
CA ALA A 9 0.46 -6.54 1.25
C ALA A 9 0.74 -5.49 2.33
N ALA A 10 1.89 -4.83 2.24
CA ALA A 10 2.26 -3.81 3.22
C ALA A 10 1.88 -2.41 2.73
N TYR A 11 0.76 -2.32 2.02
CA TYR A 11 0.29 -1.04 1.50
C TYR A 11 -0.30 -0.18 2.62
N SER A 12 -0.79 1.00 2.25
CA SER A 12 -1.39 1.90 3.22
C SER A 12 -2.42 2.81 2.55
N CYS A 13 -3.31 2.20 1.76
CA CYS A 13 -4.34 2.95 1.06
C CYS A 13 -5.33 3.56 2.03
N ARG A 14 -6.08 2.69 2.72
CA ARG A 14 -7.07 3.14 3.69
C ARG A 14 -7.30 2.08 4.76
N LYS A 15 -7.78 0.91 4.34
CA LYS A 15 -8.03 -0.19 5.27
C LYS A 15 -6.96 -1.27 5.13
N ARG A 1 2.43 7.00 3.50
CA ARG A 1 1.53 5.85 3.19
C ARG A 1 2.22 4.85 2.27
N CYS A 2 1.58 3.69 2.08
CA CYS A 2 2.13 2.65 1.22
C CYS A 2 1.02 1.90 0.49
N CYS A 3 0.16 2.65 -0.19
CA CYS A 3 -0.94 2.06 -0.94
C CYS A 3 -0.66 2.05 -2.43
N HIS A 4 0.62 2.01 -2.78
CA HIS A 4 1.02 2.00 -4.18
C HIS A 4 1.67 0.67 -4.57
N PRO A 5 1.72 0.37 -5.87
CA PRO A 5 2.30 -0.88 -6.38
C PRO A 5 3.63 -1.22 -5.72
N GLN A 6 4.34 -0.20 -5.25
CA GLN A 6 5.63 -0.39 -4.60
C GLN A 6 5.49 -1.28 -3.37
N CYS A 7 4.34 -1.21 -2.70
CA CYS A 7 4.08 -2.01 -1.51
C CYS A 7 3.34 -3.29 -1.87
N GLY A 8 2.58 -3.24 -2.96
CA GLY A 8 1.83 -4.41 -3.39
C GLY A 8 0.97 -5.00 -2.30
N ALA A 9 0.77 -6.31 -2.35
CA ALA A 9 -0.03 -7.01 -1.35
C ALA A 9 0.38 -6.63 0.07
N ALA A 10 1.61 -6.20 0.23
CA ALA A 10 2.12 -5.81 1.55
C ALA A 10 1.97 -4.31 1.78
N TYR A 11 0.85 -3.75 1.33
CA TYR A 11 0.59 -2.32 1.51
C TYR A 11 -0.09 -2.04 2.84
N SER A 12 -0.38 -0.78 3.10
CA SER A 12 -1.04 -0.37 4.34
C SER A 12 -2.03 0.76 4.08
N CYS A 13 -2.92 0.55 3.12
CA CYS A 13 -3.93 1.55 2.78
C CYS A 13 -4.82 1.85 3.98
N ARG A 14 -5.46 3.02 3.95
CA ARG A 14 -6.34 3.43 5.03
C ARG A 14 -7.31 4.52 4.57
N LYS A 15 -7.71 4.44 3.30
CA LYS A 15 -8.63 5.42 2.74
C LYS A 15 -9.98 5.36 3.44
N ARG A 1 0.97 4.77 5.35
CA ARG A 1 0.15 5.04 4.15
C ARG A 1 0.95 4.83 2.86
N CYS A 2 0.66 3.75 2.16
CA CYS A 2 1.35 3.42 0.92
C CYS A 2 0.44 2.66 -0.04
N CYS A 3 0.14 3.26 -1.18
CA CYS A 3 -0.72 2.63 -2.17
C CYS A 3 0.04 2.36 -3.47
N HIS A 4 1.35 2.20 -3.36
CA HIS A 4 2.19 1.93 -4.53
C HIS A 4 2.70 0.50 -4.51
N PRO A 5 3.34 0.03 -5.61
CA PRO A 5 3.86 -1.34 -5.69
C PRO A 5 4.99 -1.58 -4.68
N GLN A 6 5.51 -0.49 -4.11
CA GLN A 6 6.58 -0.60 -3.13
C GLN A 6 6.11 -1.37 -1.90
N CYS A 7 4.82 -1.25 -1.59
CA CYS A 7 4.24 -1.93 -0.45
C CYS A 7 3.58 -3.24 -0.88
N GLY A 8 3.17 -3.31 -2.13
CA GLY A 8 2.53 -4.51 -2.65
C GLY A 8 1.28 -4.87 -1.88
N ALA A 9 1.06 -6.16 -1.69
CA ALA A 9 -0.12 -6.64 -0.97
C ALA A 9 -0.24 -5.99 0.41
N ALA A 10 0.87 -5.48 0.93
CA ALA A 10 0.87 -4.85 2.24
C ALA A 10 0.69 -3.34 2.13
N TYR A 11 -0.09 -2.90 1.14
CA TYR A 11 -0.34 -1.47 0.94
C TYR A 11 -1.36 -0.95 1.95
N SER A 12 -1.69 0.33 1.85
CA SER A 12 -2.66 0.94 2.74
C SER A 12 -3.46 2.03 2.03
N CYS A 13 -4.00 1.68 0.86
CA CYS A 13 -4.78 2.64 0.07
C CYS A 13 -5.99 3.12 0.86
N ARG A 14 -6.52 2.26 1.72
CA ARG A 14 -7.69 2.60 2.53
C ARG A 14 -7.46 2.23 3.99
N LYS A 15 -6.22 2.36 4.46
CA LYS A 15 -5.88 2.02 5.83
C LYS A 15 -4.53 2.64 6.22
N ARG A 1 2.64 4.23 4.65
CA ARG A 1 2.16 5.25 3.68
C ARG A 1 2.64 4.93 2.26
N CYS A 2 2.03 3.93 1.65
CA CYS A 2 2.39 3.52 0.29
C CYS A 2 1.27 2.71 -0.36
N CYS A 3 0.47 3.38 -1.18
CA CYS A 3 -0.63 2.72 -1.86
C CYS A 3 -0.24 2.34 -3.29
N HIS A 4 1.06 2.18 -3.51
CA HIS A 4 1.57 1.81 -4.82
C HIS A 4 1.83 0.31 -4.91
N PRO A 5 2.11 -0.22 -6.11
CA PRO A 5 2.39 -1.65 -6.30
C PRO A 5 3.72 -2.06 -5.69
N GLN A 6 4.52 -1.08 -5.29
CA GLN A 6 5.82 -1.34 -4.67
C GLN A 6 5.63 -1.95 -3.28
N CYS A 7 4.51 -1.64 -2.65
CA CYS A 7 4.22 -2.16 -1.32
C CYS A 7 3.30 -3.37 -1.39
N GLY A 8 2.57 -3.49 -2.50
CA GLY A 8 1.66 -4.60 -2.67
C GLY A 8 0.67 -4.73 -1.54
N ALA A 9 0.26 -5.96 -1.25
CA ALA A 9 -0.69 -6.24 -0.18
C ALA A 9 -0.30 -5.55 1.13
N ALA A 10 0.99 -5.24 1.27
CA ALA A 10 1.48 -4.58 2.47
C ALA A 10 1.49 -3.06 2.31
N TYR A 11 0.49 -2.52 1.63
CA TYR A 11 0.40 -1.08 1.41
C TYR A 11 -0.18 -0.39 2.64
N SER A 12 -0.35 0.93 2.55
CA SER A 12 -0.91 1.70 3.66
C SER A 12 -1.99 2.65 3.16
N CYS A 13 -2.90 2.13 2.36
CA CYS A 13 -3.99 2.93 1.81
C CYS A 13 -5.12 3.09 2.82
N ARG A 14 -6.26 3.57 2.36
CA ARG A 14 -7.42 3.77 3.24
C ARG A 14 -8.16 2.45 3.45
N LYS A 15 -7.80 1.75 4.52
CA LYS A 15 -8.43 0.47 4.84
C LYS A 15 -8.29 0.15 6.32
N ARG A 1 3.45 2.71 6.15
CA ARG A 1 2.38 3.28 5.29
C ARG A 1 2.83 3.37 3.83
N CYS A 2 2.28 2.50 2.99
CA CYS A 2 2.63 2.47 1.58
C CYS A 2 1.43 2.09 0.73
N CYS A 3 0.89 3.05 -0.01
CA CYS A 3 -0.27 2.81 -0.86
C CYS A 3 0.10 2.97 -2.33
N HIS A 4 1.35 2.67 -2.65
CA HIS A 4 1.83 2.76 -4.04
C HIS A 4 2.15 1.38 -4.60
N PRO A 5 2.38 1.28 -5.92
CA PRO A 5 2.70 0.00 -6.57
C PRO A 5 4.09 -0.52 -6.19
N GLN A 6 4.44 -0.36 -4.91
CA GLN A 6 5.73 -0.83 -4.40
C GLN A 6 5.53 -1.85 -3.30
N CYS A 7 4.39 -1.76 -2.61
CA CYS A 7 4.07 -2.69 -1.52
C CYS A 7 3.13 -3.79 -1.99
N GLY A 8 2.65 -3.67 -3.23
CA GLY A 8 1.75 -4.66 -3.77
C GLY A 8 0.50 -4.84 -2.93
N ALA A 9 -0.01 -6.07 -2.88
CA ALA A 9 -1.22 -6.36 -2.11
C ALA A 9 -1.01 -6.09 -0.62
N ALA A 10 0.24 -5.94 -0.20
CA ALA A 10 0.56 -5.70 1.20
C ALA A 10 0.68 -4.20 1.49
N TYR A 11 0.04 -3.37 0.66
CA TYR A 11 0.08 -1.92 0.85
C TYR A 11 -0.53 -1.54 2.18
N SER A 12 -0.58 -0.23 2.45
CA SER A 12 -1.15 0.28 3.70
C SER A 12 -1.80 1.63 3.48
N CYS A 13 -2.99 1.63 2.88
CA CYS A 13 -3.72 2.86 2.62
C CYS A 13 -4.62 3.23 3.80
N ARG A 14 -5.25 4.38 3.71
CA ARG A 14 -6.14 4.86 4.77
C ARG A 14 -7.50 4.18 4.69
N LYS A 15 -8.11 4.23 3.50
CA LYS A 15 -9.41 3.62 3.28
C LYS A 15 -9.37 2.12 3.56
N ARG A 1 1.84 6.99 2.54
CA ARG A 1 0.61 6.77 1.74
C ARG A 1 0.95 6.10 0.40
N CYS A 2 1.20 4.80 0.44
CA CYS A 2 1.54 4.05 -0.76
C CYS A 2 0.44 3.05 -1.09
N CYS A 3 -0.12 3.17 -2.30
CA CYS A 3 -1.18 2.27 -2.74
C CYS A 3 -0.76 1.52 -4.00
N HIS A 4 0.53 1.33 -4.18
CA HIS A 4 1.05 0.62 -5.34
C HIS A 4 1.64 -0.72 -4.92
N PRO A 5 2.00 -1.58 -5.90
CA PRO A 5 2.57 -2.90 -5.61
C PRO A 5 3.94 -2.80 -4.93
N GLN A 6 4.52 -1.61 -4.96
CA GLN A 6 5.82 -1.39 -4.34
C GLN A 6 5.75 -1.64 -2.83
N CYS A 7 4.58 -1.36 -2.25
CA CYS A 7 4.37 -1.55 -0.82
C CYS A 7 3.73 -2.91 -0.55
N GLY A 8 3.05 -3.46 -1.56
CA GLY A 8 2.41 -4.74 -1.40
C GLY A 8 1.36 -4.74 -0.30
N ALA A 9 1.33 -5.82 0.48
CA ALA A 9 0.36 -5.94 1.57
C ALA A 9 0.56 -4.84 2.61
N ALA A 10 1.72 -4.18 2.59
CA ALA A 10 2.02 -3.12 3.54
C ALA A 10 1.65 -1.75 2.99
N TYR A 11 0.72 -1.71 2.06
CA TYR A 11 0.28 -0.44 1.47
C TYR A 11 -0.49 0.40 2.48
N SER A 12 -0.95 1.56 2.04
CA SER A 12 -1.71 2.46 2.91
C SER A 12 -2.84 3.13 2.14
N CYS A 13 -3.68 2.32 1.51
CA CYS A 13 -4.81 2.84 0.74
C CYS A 13 -6.06 2.95 1.62
N ARG A 14 -6.19 2.04 2.56
CA ARG A 14 -7.34 2.04 3.47
C ARG A 14 -7.04 1.23 4.72
N LYS A 15 -6.91 -0.08 4.56
CA LYS A 15 -6.62 -0.97 5.69
C LYS A 15 -5.18 -1.47 5.63
N ARG A 1 1.06 7.06 3.59
CA ARG A 1 0.39 6.43 2.43
C ARG A 1 1.33 5.47 1.70
N CYS A 2 0.78 4.33 1.29
CA CYS A 2 1.57 3.32 0.58
C CYS A 2 0.68 2.44 -0.29
N CYS A 3 0.14 3.02 -1.36
CA CYS A 3 -0.73 2.29 -2.27
C CYS A 3 -0.03 2.03 -3.60
N HIS A 4 1.29 1.94 -3.55
CA HIS A 4 2.08 1.70 -4.76
C HIS A 4 2.38 0.21 -4.91
N PRO A 5 2.93 -0.20 -6.07
CA PRO A 5 3.27 -1.61 -6.32
C PRO A 5 4.46 -2.07 -5.48
N GLN A 6 5.13 -1.12 -4.84
CA GLN A 6 6.28 -1.43 -4.00
C GLN A 6 5.83 -1.84 -2.61
N CYS A 7 4.66 -1.37 -2.20
CA CYS A 7 4.12 -1.68 -0.88
C CYS A 7 3.55 -3.10 -0.86
N GLY A 8 3.07 -3.56 -2.01
CA GLY A 8 2.52 -4.90 -2.09
C GLY A 8 1.41 -5.14 -1.08
N ALA A 9 1.34 -6.37 -0.56
CA ALA A 9 0.34 -6.74 0.41
C ALA A 9 0.33 -5.79 1.62
N ALA A 10 1.45 -5.12 1.84
CA ALA A 10 1.58 -4.18 2.95
C ALA A 10 1.27 -2.76 2.51
N TYR A 11 0.31 -2.61 1.59
CA TYR A 11 -0.08 -1.30 1.10
C TYR A 11 -0.83 -0.52 2.17
N SER A 12 -1.27 0.69 1.82
CA SER A 12 -2.01 1.53 2.75
C SER A 12 -2.99 2.42 2.00
N CYS A 13 -3.74 1.83 1.08
CA CYS A 13 -4.72 2.57 0.29
C CYS A 13 -5.90 3.01 1.16
N ARG A 14 -6.26 2.16 2.11
CA ARG A 14 -7.37 2.46 3.02
C ARG A 14 -7.27 1.63 4.29
N LYS A 15 -7.73 2.20 5.40
CA LYS A 15 -7.70 1.50 6.68
C LYS A 15 -6.28 1.14 7.08
N ARG A 1 2.76 3.11 6.76
CA ARG A 1 1.81 2.62 5.74
C ARG A 1 2.35 2.85 4.33
N CYS A 2 1.88 2.06 3.38
CA CYS A 2 2.32 2.17 1.99
C CYS A 2 1.17 1.86 1.04
N CYS A 3 0.75 2.87 0.27
CA CYS A 3 -0.34 2.70 -0.69
C CYS A 3 0.16 2.86 -2.12
N HIS A 4 1.43 2.58 -2.34
CA HIS A 4 2.03 2.70 -3.67
C HIS A 4 2.34 1.31 -4.22
N PRO A 5 2.72 1.22 -5.52
CA PRO A 5 3.04 -0.05 -6.17
C PRO A 5 4.26 -0.72 -5.54
N GLN A 6 5.02 0.05 -4.76
CA GLN A 6 6.21 -0.47 -4.11
C GLN A 6 5.85 -1.61 -3.16
N CYS A 7 4.65 -1.52 -2.58
CA CYS A 7 4.17 -2.54 -1.65
C CYS A 7 3.27 -3.55 -2.36
N GLY A 8 2.66 -3.12 -3.46
CA GLY A 8 1.78 -3.99 -4.21
C GLY A 8 0.62 -4.50 -3.38
N ALA A 9 0.27 -5.77 -3.59
CA ALA A 9 -0.85 -6.38 -2.85
C ALA A 9 -0.65 -6.25 -1.35
N ALA A 10 0.59 -6.05 -0.91
CA ALA A 10 0.89 -5.94 0.51
C ALA A 10 0.91 -4.47 0.96
N TYR A 11 0.07 -3.65 0.35
CA TYR A 11 0.00 -2.24 0.69
C TYR A 11 -0.75 -2.04 2.01
N SER A 12 -0.90 -0.79 2.42
CA SER A 12 -1.61 -0.47 3.65
C SER A 12 -2.36 0.85 3.52
N CYS A 13 -3.34 0.88 2.63
CA CYS A 13 -4.14 2.08 2.39
C CYS A 13 -5.32 2.14 3.37
N ARG A 14 -5.47 3.28 4.03
CA ARG A 14 -6.56 3.47 5.00
C ARG A 14 -7.72 4.23 4.36
N LYS A 15 -7.41 5.37 3.76
CA LYS A 15 -8.43 6.19 3.11
C LYS A 15 -9.49 6.64 4.12
N ARG A 1 0.76 4.54 6.13
CA ARG A 1 1.32 3.26 5.61
C ARG A 1 1.72 3.39 4.14
N CYS A 2 2.03 2.26 3.52
CA CYS A 2 2.43 2.26 2.11
C CYS A 2 1.25 1.95 1.20
N CYS A 3 0.90 2.90 0.35
CA CYS A 3 -0.22 2.73 -0.57
C CYS A 3 0.24 2.88 -2.02
N HIS A 4 1.50 2.56 -2.26
CA HIS A 4 2.08 2.66 -3.61
C HIS A 4 2.36 1.27 -4.17
N PRO A 5 2.70 1.17 -5.47
CA PRO A 5 3.00 -0.12 -6.10
C PRO A 5 4.25 -0.77 -5.52
N GLN A 6 5.03 0.00 -4.76
CA GLN A 6 6.25 -0.52 -4.15
C GLN A 6 5.90 -1.61 -3.14
N CYS A 7 4.73 -1.49 -2.52
CA CYS A 7 4.28 -2.48 -1.54
C CYS A 7 3.45 -3.57 -2.21
N GLY A 8 2.95 -3.29 -3.41
CA GLY A 8 2.14 -4.26 -4.12
C GLY A 8 0.89 -4.65 -3.36
N ALA A 9 0.55 -5.93 -3.42
CA ALA A 9 -0.65 -6.43 -2.73
C ALA A 9 -0.49 -6.36 -1.22
N ALA A 10 0.73 -6.13 -0.76
CA ALA A 10 1.00 -6.06 0.68
C ALA A 10 0.84 -4.65 1.21
N TYR A 11 0.25 -3.75 0.41
CA TYR A 11 0.05 -2.37 0.83
C TYR A 11 -0.83 -2.30 2.07
N SER A 12 -1.10 -1.08 2.53
CA SER A 12 -1.93 -0.88 3.71
C SER A 12 -2.62 0.49 3.68
N CYS A 13 -3.31 0.75 2.57
CA CYS A 13 -4.02 2.02 2.41
C CYS A 13 -5.16 2.14 3.42
N ARG A 14 -5.42 3.38 3.85
CA ARG A 14 -6.49 3.63 4.82
C ARG A 14 -7.66 4.34 4.16
N LYS A 15 -7.36 5.26 3.26
CA LYS A 15 -8.40 6.01 2.55
C LYS A 15 -9.27 6.79 3.53
N ARG A 1 1.03 0.64 6.48
CA ARG A 1 0.70 1.94 5.85
C ARG A 1 1.61 2.22 4.66
N CYS A 2 1.22 1.73 3.49
CA CYS A 2 1.99 1.92 2.28
C CYS A 2 1.13 1.72 1.04
N CYS A 3 0.63 2.81 0.47
CA CYS A 3 -0.20 2.75 -0.72
C CYS A 3 0.62 3.00 -1.97
N HIS A 4 1.91 2.72 -1.90
CA HIS A 4 2.81 2.93 -3.03
C HIS A 4 3.00 1.62 -3.81
N PRO A 5 3.63 1.69 -5.00
CA PRO A 5 3.89 0.51 -5.83
C PRO A 5 4.95 -0.40 -5.21
N GLN A 6 5.63 0.09 -4.18
CA GLN A 6 6.65 -0.68 -3.50
C GLN A 6 6.03 -1.79 -2.65
N CYS A 7 4.78 -1.58 -2.24
CA CYS A 7 4.08 -2.56 -1.42
C CYS A 7 3.18 -3.44 -2.28
N GLY A 8 2.72 -2.88 -3.40
CA GLY A 8 1.85 -3.63 -4.30
C GLY A 8 0.64 -4.20 -3.61
N ALA A 9 0.21 -5.38 -4.03
CA ALA A 9 -0.96 -6.04 -3.46
C ALA A 9 -0.91 -6.04 -1.93
N ALA A 10 0.30 -5.98 -1.37
CA ALA A 10 0.47 -5.97 0.08
C ALA A 10 0.54 -4.56 0.62
N TYR A 11 -0.29 -3.67 0.08
CA TYR A 11 -0.32 -2.27 0.52
C TYR A 11 -1.27 -2.11 1.72
N SER A 12 -1.39 -0.87 2.19
CA SER A 12 -2.25 -0.58 3.32
C SER A 12 -2.95 0.78 3.15
N CYS A 13 -3.54 0.98 1.98
CA CYS A 13 -4.22 2.24 1.68
C CYS A 13 -5.38 2.46 2.65
N ARG A 14 -5.08 3.04 3.81
CA ARG A 14 -6.09 3.32 4.82
C ARG A 14 -6.40 4.80 4.88
N LYS A 15 -7.36 5.24 4.08
CA LYS A 15 -7.75 6.65 4.05
C LYS A 15 -9.23 6.79 3.69
N ARG A 1 0.52 1.91 7.22
CA ARG A 1 -0.17 1.81 5.91
C ARG A 1 0.79 2.17 4.77
N CYS A 2 0.57 1.56 3.60
CA CYS A 2 1.41 1.81 2.44
C CYS A 2 0.60 1.66 1.15
N CYS A 3 0.41 2.77 0.44
CA CYS A 3 -0.34 2.76 -0.80
C CYS A 3 0.55 3.16 -1.98
N HIS A 4 1.84 2.83 -1.87
CA HIS A 4 2.79 3.15 -2.93
C HIS A 4 3.32 1.87 -3.58
N PRO A 5 4.04 1.99 -4.71
CA PRO A 5 4.59 0.83 -5.43
C PRO A 5 5.74 0.19 -4.66
N GLN A 6 5.60 0.09 -3.34
CA GLN A 6 6.62 -0.52 -2.49
C GLN A 6 6.03 -1.71 -1.75
N CYS A 7 4.72 -1.68 -1.52
CA CYS A 7 4.04 -2.77 -0.82
C CYS A 7 3.35 -3.72 -1.81
N GLY A 8 3.27 -3.30 -3.06
CA GLY A 8 2.63 -4.13 -4.07
C GLY A 8 1.20 -4.46 -3.73
N ALA A 9 0.76 -5.65 -4.12
CA ALA A 9 -0.61 -6.09 -3.85
C ALA A 9 -0.92 -6.10 -2.36
N ALA A 10 0.12 -6.07 -1.53
CA ALA A 10 -0.06 -6.08 -0.08
C ALA A 10 -0.09 -4.67 0.50
N TYR A 11 -0.50 -3.70 -0.32
CA TYR A 11 -0.57 -2.32 0.13
C TYR A 11 -1.62 -2.15 1.23
N SER A 12 -1.80 -0.92 1.69
CA SER A 12 -2.78 -0.62 2.74
C SER A 12 -3.48 0.69 2.47
N CYS A 13 -3.94 0.87 1.23
CA CYS A 13 -4.64 2.09 0.85
C CYS A 13 -5.91 2.28 1.66
N ARG A 14 -5.77 2.88 2.84
CA ARG A 14 -6.91 3.12 3.72
C ARG A 14 -7.18 4.62 3.87
N LYS A 15 -6.23 5.32 4.48
CA LYS A 15 -6.37 6.77 4.68
C LYS A 15 -5.01 7.40 4.94
N ARG A 1 1.00 2.83 6.04
CA ARG A 1 1.67 3.86 5.20
C ARG A 1 2.41 3.23 4.04
N CYS A 2 1.75 2.34 3.31
CA CYS A 2 2.35 1.67 2.18
C CYS A 2 1.33 1.46 1.06
N CYS A 3 0.86 2.55 0.47
CA CYS A 3 -0.11 2.48 -0.61
C CYS A 3 0.54 2.80 -1.95
N HIS A 4 1.83 2.49 -2.06
CA HIS A 4 2.57 2.74 -3.29
C HIS A 4 2.62 1.49 -4.15
N PRO A 5 3.09 1.60 -5.41
CA PRO A 5 3.18 0.46 -6.32
C PRO A 5 4.29 -0.52 -5.89
N GLN A 6 5.11 -0.10 -4.94
CA GLN A 6 6.19 -0.95 -4.44
C GLN A 6 5.67 -1.91 -3.38
N CYS A 7 4.59 -1.53 -2.71
CA CYS A 7 4.00 -2.35 -1.66
C CYS A 7 3.19 -3.49 -2.27
N GLY A 8 2.64 -3.25 -3.46
CA GLY A 8 1.84 -4.26 -4.13
C GLY A 8 0.71 -4.78 -3.27
N ALA A 9 0.41 -6.08 -3.42
CA ALA A 9 -0.66 -6.71 -2.67
C ALA A 9 -0.51 -6.47 -1.16
N ALA A 10 0.72 -6.21 -0.73
CA ALA A 10 1.00 -5.97 0.68
C ALA A 10 0.99 -4.48 1.01
N TYR A 11 0.08 -3.75 0.36
CA TYR A 11 -0.04 -2.32 0.59
C TYR A 11 -0.64 -2.03 1.97
N SER A 12 -0.83 -0.75 2.27
CA SER A 12 -1.40 -0.35 3.55
C SER A 12 -2.23 0.92 3.39
N CYS A 13 -3.09 0.93 2.38
CA CYS A 13 -3.94 2.09 2.11
C CYS A 13 -5.01 2.23 3.19
N ARG A 14 -5.49 3.46 3.39
CA ARG A 14 -6.51 3.72 4.39
C ARG A 14 -7.22 5.04 4.09
N LYS A 15 -8.48 5.14 4.53
CA LYS A 15 -9.27 6.34 4.31
C LYS A 15 -10.54 6.32 5.15
N ARG A 1 0.33 8.24 0.92
CA ARG A 1 -0.35 6.92 0.76
C ARG A 1 0.65 5.84 0.36
N CYS A 2 0.24 4.59 0.50
CA CYS A 2 1.09 3.45 0.15
C CYS A 2 0.30 2.35 -0.54
N CYS A 3 -0.41 2.73 -1.60
CA CYS A 3 -1.22 1.77 -2.35
C CYS A 3 -0.54 1.41 -3.67
N HIS A 4 0.79 1.48 -3.69
CA HIS A 4 1.56 1.16 -4.89
C HIS A 4 2.40 -0.10 -4.68
N PRO A 5 2.83 -0.73 -5.78
CA PRO A 5 3.65 -1.94 -5.74
C PRO A 5 4.78 -1.86 -4.72
N GLN A 6 5.23 -0.63 -4.43
CA GLN A 6 6.30 -0.42 -3.47
C GLN A 6 5.92 -0.95 -2.10
N CYS A 7 4.64 -0.88 -1.77
CA CYS A 7 4.14 -1.37 -0.48
C CYS A 7 3.65 -2.81 -0.59
N GLY A 8 3.21 -3.20 -1.78
CA GLY A 8 2.73 -4.54 -1.99
C GLY A 8 1.67 -4.95 -0.99
N ALA A 9 1.61 -6.25 -0.69
CA ALA A 9 0.64 -6.77 0.27
C ALA A 9 0.61 -5.95 1.56
N ALA A 10 1.72 -5.28 1.86
CA ALA A 10 1.80 -4.47 3.07
C ALA A 10 1.45 -3.01 2.79
N TYR A 11 0.44 -2.80 1.94
CA TYR A 11 0.02 -1.44 1.60
C TYR A 11 -1.02 -0.92 2.59
N SER A 12 -1.49 0.30 2.37
CA SER A 12 -2.49 0.91 3.24
C SER A 12 -3.49 1.73 2.42
N CYS A 13 -4.06 1.11 1.40
CA CYS A 13 -5.03 1.79 0.54
C CYS A 13 -6.24 2.25 1.35
N ARG A 14 -6.57 1.50 2.39
CA ARG A 14 -7.70 1.84 3.24
C ARG A 14 -7.29 1.87 4.72
N LYS A 15 -6.06 2.31 4.97
CA LYS A 15 -5.55 2.39 6.34
C LYS A 15 -4.29 3.26 6.39
N ARG A 1 -0.34 0.42 6.40
CA ARG A 1 -0.53 1.75 5.77
C ARG A 1 0.58 2.04 4.76
N CYS A 2 0.40 1.59 3.53
CA CYS A 2 1.37 1.80 2.47
C CYS A 2 0.75 1.64 1.10
N CYS A 3 0.38 2.75 0.48
CA CYS A 3 -0.24 2.74 -0.84
C CYS A 3 0.80 3.02 -1.93
N HIS A 4 2.06 2.72 -1.63
CA HIS A 4 3.15 2.94 -2.57
C HIS A 4 3.47 1.66 -3.34
N PRO A 5 4.30 1.75 -4.39
CA PRO A 5 4.69 0.58 -5.19
C PRO A 5 5.61 -0.36 -4.43
N GLN A 6 6.10 0.10 -3.27
CA GLN A 6 6.98 -0.71 -2.44
C GLN A 6 6.20 -1.83 -1.75
N CYS A 7 4.91 -1.61 -1.56
CA CYS A 7 4.06 -2.62 -0.92
C CYS A 7 3.32 -3.45 -1.97
N GLY A 8 3.08 -2.86 -3.13
CA GLY A 8 2.39 -3.57 -4.19
C GLY A 8 1.05 -4.13 -3.75
N ALA A 9 0.70 -5.31 -4.28
CA ALA A 9 -0.56 -5.95 -3.94
C ALA A 9 -0.80 -5.99 -2.43
N ALA A 10 0.29 -5.96 -1.66
CA ALA A 10 0.19 -5.98 -0.21
C ALA A 10 0.17 -4.58 0.38
N TYR A 11 -0.54 -3.66 -0.29
CA TYR A 11 -0.62 -2.28 0.18
C TYR A 11 -1.77 -2.12 1.17
N SER A 12 -1.97 -0.90 1.64
CA SER A 12 -3.04 -0.61 2.61
C SER A 12 -3.62 0.78 2.36
N CYS A 13 -4.11 1.00 1.14
CA CYS A 13 -4.70 2.28 0.77
C CYS A 13 -6.03 2.49 1.50
N ARG A 14 -5.97 3.17 2.64
CA ARG A 14 -7.17 3.45 3.43
C ARG A 14 -7.19 4.90 3.88
N LYS A 15 -6.26 5.26 4.75
CA LYS A 15 -6.18 6.62 5.27
C LYS A 15 -4.73 7.00 5.57
N ARG A 1 0.49 1.60 7.37
CA ARG A 1 -0.07 1.38 6.01
C ARG A 1 0.95 1.75 4.93
N CYS A 2 0.68 1.33 3.70
CA CYS A 2 1.57 1.61 2.58
C CYS A 2 0.84 1.49 1.25
N CYS A 3 0.42 2.63 0.71
CA CYS A 3 -0.29 2.64 -0.56
C CYS A 3 0.65 2.99 -1.72
N HIS A 4 1.93 2.69 -1.51
CA HIS A 4 2.94 2.97 -2.53
C HIS A 4 3.22 1.73 -3.38
N PRO A 5 3.97 1.89 -4.49
CA PRO A 5 4.31 0.76 -5.36
C PRO A 5 5.30 -0.19 -4.71
N GLN A 6 5.88 0.23 -3.59
CA GLN A 6 6.85 -0.60 -2.87
C GLN A 6 6.15 -1.76 -2.16
N CYS A 7 4.85 -1.58 -1.87
CA CYS A 7 4.08 -2.61 -1.19
C CYS A 7 3.27 -3.43 -2.20
N GLY A 8 2.92 -2.80 -3.32
CA GLY A 8 2.16 -3.48 -4.35
C GLY A 8 0.88 -4.10 -3.82
N ALA A 9 0.50 -5.25 -4.37
CA ALA A 9 -0.71 -5.94 -3.96
C ALA A 9 -0.83 -6.03 -2.44
N ALA A 10 0.31 -6.01 -1.75
CA ALA A 10 0.33 -6.10 -0.31
C ALA A 10 0.34 -4.71 0.34
N TYR A 11 -0.43 -3.79 -0.23
CA TYR A 11 -0.51 -2.43 0.30
C TYR A 11 -1.56 -2.33 1.39
N SER A 12 -1.75 -1.12 1.92
CA SER A 12 -2.73 -0.90 2.97
C SER A 12 -3.42 0.46 2.79
N CYS A 13 -3.86 0.72 1.57
CA CYS A 13 -4.55 1.97 1.25
C CYS A 13 -5.80 2.14 2.10
N ARG A 14 -5.84 3.20 2.91
CA ARG A 14 -6.99 3.46 3.77
C ARG A 14 -7.18 4.96 3.96
N LYS A 15 -6.15 5.62 4.48
CA LYS A 15 -6.21 7.06 4.72
C LYS A 15 -6.30 7.82 3.41
N ARG A 1 1.10 7.03 3.39
CA ARG A 1 0.30 6.26 2.40
C ARG A 1 1.21 5.51 1.43
N CYS A 2 0.86 4.26 1.14
CA CYS A 2 1.65 3.43 0.23
C CYS A 2 0.75 2.47 -0.54
N CYS A 3 -0.02 3.01 -1.48
CA CYS A 3 -0.92 2.19 -2.28
C CYS A 3 -0.29 1.83 -3.62
N HIS A 4 1.05 1.80 -3.66
CA HIS A 4 1.77 1.48 -4.88
C HIS A 4 2.19 0.01 -4.87
N PRO A 5 2.67 -0.50 -6.02
CA PRO A 5 3.12 -1.90 -6.13
C PRO A 5 4.41 -2.15 -5.38
N GLN A 6 5.04 -1.08 -4.92
CA GLN A 6 6.30 -1.19 -4.17
C GLN A 6 6.04 -1.71 -2.76
N CYS A 7 4.82 -1.51 -2.26
CA CYS A 7 4.45 -1.96 -0.93
C CYS A 7 3.68 -3.27 -0.98
N GLY A 8 3.01 -3.50 -2.11
CA GLY A 8 2.24 -4.72 -2.27
C GLY A 8 1.26 -4.96 -1.14
N ALA A 9 1.10 -6.23 -0.76
CA ALA A 9 0.18 -6.60 0.32
C ALA A 9 0.36 -5.70 1.54
N ALA A 10 1.56 -5.17 1.71
CA ALA A 10 1.86 -4.29 2.84
C ALA A 10 1.65 -2.82 2.47
N TYR A 11 0.58 -2.54 1.73
CA TYR A 11 0.28 -1.17 1.32
C TYR A 11 -0.52 -0.44 2.39
N SER A 12 -0.87 0.81 2.10
CA SER A 12 -1.64 1.61 3.04
C SER A 12 -2.69 2.46 2.31
N CYS A 13 -3.42 1.81 1.41
CA CYS A 13 -4.45 2.49 0.63
C CYS A 13 -5.53 3.08 1.55
N ARG A 14 -6.28 2.19 2.20
CA ARG A 14 -7.35 2.61 3.10
C ARG A 14 -7.25 1.85 4.43
N LYS A 15 -8.25 2.04 5.27
CA LYS A 15 -8.29 1.38 6.57
C LYS A 15 -7.07 1.77 7.42
N ARG A 1 2.33 7.00 4.00
CA ARG A 1 2.39 5.53 3.80
C ARG A 1 2.47 5.17 2.33
N CYS A 2 2.51 3.87 2.03
CA CYS A 2 2.59 3.40 0.65
C CYS A 2 1.30 2.67 0.27
N CYS A 3 0.64 3.16 -0.77
CA CYS A 3 -0.60 2.56 -1.25
C CYS A 3 -0.53 2.25 -2.74
N HIS A 4 0.68 2.02 -3.23
CA HIS A 4 0.88 1.71 -4.65
C HIS A 4 1.39 0.29 -4.83
N PRO A 5 1.21 -0.26 -6.05
CA PRO A 5 1.64 -1.61 -6.39
C PRO A 5 3.05 -1.93 -5.89
N GLN A 6 3.87 -0.90 -5.73
CA GLN A 6 5.24 -1.08 -5.26
C GLN A 6 5.27 -1.74 -3.88
N CYS A 7 4.20 -1.56 -3.11
CA CYS A 7 4.11 -2.14 -1.78
C CYS A 7 3.26 -3.41 -1.79
N GLY A 8 2.40 -3.52 -2.80
CA GLY A 8 1.54 -4.69 -2.91
C GLY A 8 0.68 -4.90 -1.68
N ALA A 9 0.47 -6.15 -1.31
CA ALA A 9 -0.35 -6.49 -0.15
C ALA A 9 0.25 -5.93 1.14
N ALA A 10 1.53 -5.55 1.09
CA ALA A 10 2.20 -5.01 2.26
C ALA A 10 1.99 -3.50 2.38
N TYR A 11 1.11 -2.94 1.55
CA TYR A 11 0.83 -1.51 1.59
C TYR A 11 0.31 -1.08 2.95
N SER A 12 -0.01 0.20 3.08
CA SER A 12 -0.52 0.74 4.33
C SER A 12 -1.54 1.84 4.06
N CYS A 13 -2.49 1.55 3.16
CA CYS A 13 -3.53 2.51 2.82
C CYS A 13 -4.50 2.71 3.98
N ARG A 14 -5.61 3.38 3.70
CA ARG A 14 -6.61 3.64 4.72
C ARG A 14 -8.02 3.52 4.13
N LYS A 15 -8.17 2.66 3.14
CA LYS A 15 -9.47 2.46 2.49
C LYS A 15 -9.74 0.97 2.27
N ARG A 1 3.45 4.22 5.63
CA ARG A 1 2.89 4.80 4.38
C ARG A 1 3.37 4.03 3.16
N CYS A 2 2.60 3.03 2.76
CA CYS A 2 2.94 2.22 1.60
C CYS A 2 1.69 1.77 0.85
N CYS A 3 1.10 2.68 0.10
CA CYS A 3 -0.11 2.38 -0.66
C CYS A 3 0.14 2.54 -2.16
N HIS A 4 1.40 2.32 -2.56
CA HIS A 4 1.78 2.43 -3.97
C HIS A 4 1.76 1.06 -4.64
N PRO A 5 1.92 1.01 -5.97
CA PRO A 5 1.94 -0.25 -6.71
C PRO A 5 3.17 -1.09 -6.38
N GLN A 6 4.14 -0.49 -5.70
CA GLN A 6 5.36 -1.18 -5.33
C GLN A 6 5.15 -2.01 -4.07
N CYS A 7 4.24 -1.55 -3.21
CA CYS A 7 3.93 -2.24 -1.96
C CYS A 7 3.08 -3.48 -2.22
N GLY A 8 2.31 -3.45 -3.31
CA GLY A 8 1.46 -4.57 -3.66
C GLY A 8 0.55 -5.00 -2.53
N ALA A 9 0.28 -6.30 -2.45
CA ALA A 9 -0.58 -6.86 -1.42
C ALA A 9 -0.18 -6.39 -0.02
N ALA A 10 1.09 -6.02 0.13
CA ALA A 10 1.60 -5.55 1.42
C ALA A 10 1.51 -4.03 1.54
N TYR A 11 0.43 -3.46 0.99
CA TYR A 11 0.24 -2.02 1.04
C TYR A 11 -0.20 -1.58 2.44
N SER A 12 -0.52 -0.30 2.57
CA SER A 12 -0.96 0.26 3.85
C SER A 12 -1.68 1.59 3.63
N CYS A 13 -2.91 1.52 3.12
CA CYS A 13 -3.71 2.71 2.87
C CYS A 13 -4.61 3.02 4.07
N ARG A 14 -5.55 3.94 3.86
CA ARG A 14 -6.47 4.33 4.92
C ARG A 14 -7.81 4.77 4.33
N LYS A 15 -8.64 3.80 3.96
CA LYS A 15 -9.95 4.10 3.38
C LYS A 15 -11.03 3.22 4.02
N ARG A 1 3.04 7.18 2.95
CA ARG A 1 1.92 6.34 2.47
C ARG A 1 2.26 5.69 1.13
N CYS A 2 1.69 4.50 0.90
CA CYS A 2 1.93 3.77 -0.34
C CYS A 2 0.84 2.74 -0.58
N CYS A 3 0.11 2.91 -1.68
CA CYS A 3 -0.97 1.97 -2.01
C CYS A 3 -0.78 1.41 -3.42
N HIS A 4 0.47 1.34 -3.86
CA HIS A 4 0.78 0.82 -5.19
C HIS A 4 1.52 -0.52 -5.10
N PRO A 5 1.54 -1.28 -6.20
CA PRO A 5 2.21 -2.58 -6.27
C PRO A 5 3.59 -2.57 -5.62
N GLN A 6 4.22 -1.40 -5.58
CA GLN A 6 5.54 -1.27 -4.98
C GLN A 6 5.53 -1.69 -3.51
N CYS A 7 4.41 -1.45 -2.83
CA CYS A 7 4.28 -1.81 -1.43
C CYS A 7 3.50 -3.12 -1.27
N GLY A 8 2.61 -3.39 -2.22
CA GLY A 8 1.82 -4.60 -2.18
C GLY A 8 1.06 -4.76 -0.87
N ALA A 9 0.94 -6.01 -0.41
CA ALA A 9 0.23 -6.30 0.82
C ALA A 9 0.67 -5.38 1.96
N ALA A 10 1.89 -4.88 1.88
CA ALA A 10 2.42 -3.99 2.90
C ALA A 10 2.19 -2.52 2.54
N TYR A 11 1.01 -2.22 1.99
CA TYR A 11 0.66 -0.86 1.60
C TYR A 11 0.08 -0.09 2.79
N SER A 12 -0.30 1.16 2.54
CA SER A 12 -0.88 2.00 3.58
C SER A 12 -2.12 2.73 3.07
N CYS A 13 -3.00 1.99 2.40
CA CYS A 13 -4.22 2.55 1.85
C CYS A 13 -5.24 2.82 2.95
N ARG A 14 -6.47 3.13 2.55
CA ARG A 14 -7.54 3.40 3.50
C ARG A 14 -8.19 2.11 3.98
N LYS A 15 -7.53 1.44 4.93
CA LYS A 15 -8.04 0.19 5.46
C LYS A 15 -9.08 0.45 6.57
N ARG A 1 0.80 4.90 4.48
CA ARG A 1 0.15 5.50 3.28
C ARG A 1 0.97 5.22 2.02
N CYS A 2 0.91 3.99 1.53
CA CYS A 2 1.63 3.59 0.34
C CYS A 2 0.80 2.67 -0.54
N CYS A 3 0.15 3.25 -1.55
CA CYS A 3 -0.68 2.47 -2.46
C CYS A 3 0.08 2.13 -3.74
N HIS A 4 1.41 2.09 -3.64
CA HIS A 4 2.25 1.78 -4.78
C HIS A 4 2.64 0.30 -4.79
N PRO A 5 3.24 -0.19 -5.89
CA PRO A 5 3.66 -1.59 -6.00
C PRO A 5 4.84 -1.90 -5.09
N GLN A 6 5.44 -0.87 -4.52
CA GLN A 6 6.58 -1.04 -3.62
C GLN A 6 6.13 -1.62 -2.29
N CYS A 7 4.87 -1.38 -1.94
CA CYS A 7 4.32 -1.87 -0.69
C CYS A 7 3.55 -3.18 -0.91
N GLY A 8 3.01 -3.33 -2.11
CA GLY A 8 2.26 -4.53 -2.44
C GLY A 8 1.13 -4.80 -1.46
N ALA A 9 0.88 -6.08 -1.19
CA ALA A 9 -0.17 -6.49 -0.26
C ALA A 9 -0.11 -5.71 1.04
N ALA A 10 1.09 -5.23 1.39
CA ALA A 10 1.27 -4.46 2.63
C ALA A 10 1.12 -2.97 2.38
N TYR A 11 0.17 -2.59 1.53
CA TYR A 11 -0.06 -1.18 1.22
C TYR A 11 -0.99 -0.55 2.25
N SER A 12 -1.29 0.73 2.06
CA SER A 12 -2.18 1.44 2.97
C SER A 12 -3.11 2.38 2.20
N CYS A 13 -3.73 1.86 1.15
CA CYS A 13 -4.65 2.65 0.33
C CYS A 13 -5.92 2.99 1.11
N ARG A 14 -6.33 2.08 1.98
CA ARG A 14 -7.53 2.29 2.79
C ARG A 14 -7.45 1.50 4.10
N LYS A 15 -6.72 2.04 5.06
CA LYS A 15 -6.56 1.40 6.35
C LYS A 15 -7.25 2.19 7.45
N ARG A 1 0.56 8.09 0.43
CA ARG A 1 -0.43 7.06 -0.01
C ARG A 1 0.27 5.92 -0.74
N CYS A 2 0.79 4.96 0.02
CA CYS A 2 1.47 3.81 -0.56
C CYS A 2 0.46 2.77 -1.05
N CYS A 3 -0.12 3.02 -2.21
CA CYS A 3 -1.10 2.11 -2.78
C CYS A 3 -0.60 1.52 -4.11
N HIS A 4 0.72 1.43 -4.25
CA HIS A 4 1.32 0.89 -5.45
C HIS A 4 2.04 -0.43 -5.15
N PRO A 5 2.48 -1.16 -6.20
CA PRO A 5 3.17 -2.44 -6.03
C PRO A 5 4.58 -2.26 -5.45
N GLN A 6 4.69 -1.38 -4.46
CA GLN A 6 5.96 -1.12 -3.80
C GLN A 6 5.86 -1.43 -2.31
N CYS A 7 4.65 -1.28 -1.77
CA CYS A 7 4.41 -1.55 -0.35
C CYS A 7 3.79 -2.93 -0.16
N GLY A 8 3.14 -3.43 -1.20
CA GLY A 8 2.51 -4.74 -1.11
C GLY A 8 1.45 -4.81 -0.04
N ALA A 9 1.40 -5.92 0.67
CA ALA A 9 0.41 -6.11 1.73
C ALA A 9 0.47 -4.98 2.76
N ALA A 10 1.62 -4.30 2.84
CA ALA A 10 1.80 -3.21 3.78
C ALA A 10 1.52 -1.86 3.12
N TYR A 11 0.55 -1.82 2.22
CA TYR A 11 0.20 -0.59 1.53
C TYR A 11 -0.62 0.32 2.44
N SER A 12 -1.02 1.47 1.91
CA SER A 12 -1.80 2.44 2.67
C SER A 12 -3.03 2.89 1.89
N CYS A 13 -3.82 1.92 1.43
CA CYS A 13 -5.02 2.22 0.66
C CYS A 13 -6.27 1.96 1.49
N ARG A 14 -6.20 0.99 2.38
CA ARG A 14 -7.32 0.64 3.24
C ARG A 14 -6.96 0.81 4.71
N LYS A 15 -5.78 0.32 5.08
CA LYS A 15 -5.32 0.42 6.47
C LYS A 15 -6.27 -0.30 7.42
#